data_6SF5
#
_entry.id   6SF5
#
_cell.length_a   57.06
_cell.length_b   80.602
_cell.length_c   158.228
_cell.angle_alpha   90
_cell.angle_beta   90
_cell.angle_gamma   90
#
_symmetry.space_group_name_H-M   'P 21 21 21'
#
loop_
_entity.id
_entity.type
_entity.pdbx_description
1 polymer 'Ribonucleoside-diphosphate reductase, beta subunit 1'
2 non-polymer 'MANGANESE (II) ION'
3 water water
#
_entity_poly.entity_id   1
_entity_poly.type   'polypeptide(L)'
_entity_poly.pdbx_seq_one_letter_code
;MGSSHHHHHHSSGLVPRGSHLERKTNIFEKRINLKPYEYPELNEYVAAIRHSYWIHTEFNFTSDIQDFKTGLSEVERSAI
KNTMLAISQIEVAVKTFWGDVHHRLPKPEIAAVGATFAESEVRHHDAYSHLLEILGLNEEFKELKKKPVIMKRVHYLETS
LKHAKSDDDREYTESILLFALFIEHVSLFSQFLIIMAFNKHKNMLKGISNAVEATSKEEQIHGDFGVDIINIIKKENPEW
FDEEHNNLIKEMCLNSFEAESKVVDWIFEKGELDFLPKAVINEFLKNRFNKSLEAIGLEKLFDIDEALLQETEWFDDEII
GTKHGDFFVKRSINYSKRTQSITSDDLF
;
_entity_poly.pdbx_strand_id   A,B
#
loop_
_chem_comp.id
_chem_comp.type
_chem_comp.name
_chem_comp.formula
MN non-polymer 'MANGANESE (II) ION' 'Mn 2'
#
# COMPACT_ATOMS: atom_id res chain seq x y z
N THR A 25 2.05 -22.48 -16.66
CA THR A 25 2.23 -21.10 -16.19
C THR A 25 0.96 -20.30 -16.46
N ASN A 26 0.26 -19.93 -15.38
CA ASN A 26 -1.05 -19.28 -15.41
C ASN A 26 -1.15 -18.16 -14.37
N ILE A 27 -1.22 -16.90 -14.83
CA ILE A 27 -1.31 -15.69 -13.98
C ILE A 27 -2.54 -15.71 -13.05
N PHE A 28 -3.59 -16.40 -13.47
CA PHE A 28 -4.85 -16.46 -12.72
C PHE A 28 -4.86 -17.49 -11.63
N GLU A 29 -3.87 -18.38 -11.62
CA GLU A 29 -3.80 -19.48 -10.66
C GLU A 29 -2.91 -19.21 -9.45
N LYS A 30 -3.42 -19.46 -8.25
CA LYS A 30 -2.67 -19.27 -7.01
C LYS A 30 -1.43 -20.14 -6.95
N ARG A 31 -0.37 -19.48 -6.47
CA ARG A 31 0.93 -20.02 -6.12
C ARG A 31 1.10 -19.65 -4.65
N ILE A 32 1.04 -20.65 -3.76
CA ILE A 32 1.18 -20.48 -2.30
C ILE A 32 2.66 -20.29 -1.95
N ASN A 33 3.55 -21.16 -2.50
CA ASN A 33 4.99 -21.03 -2.27
C ASN A 33 5.48 -19.70 -2.84
N LEU A 34 6.23 -18.96 -2.03
CA LEU A 34 6.76 -17.65 -2.37
C LEU A 34 7.71 -17.67 -3.57
N LYS A 35 8.70 -18.56 -3.54
CA LYS A 35 9.72 -18.65 -4.58
C LYS A 35 9.80 -20.05 -5.23
N PRO A 36 10.26 -20.18 -6.49
CA PRO A 36 10.72 -19.12 -7.41
C PRO A 36 9.56 -18.26 -7.94
N TYR A 37 9.86 -17.01 -8.27
CA TYR A 37 8.88 -16.09 -8.85
C TYR A 37 8.61 -16.56 -10.27
N GLU A 38 7.35 -16.42 -10.72
CA GLU A 38 7.00 -16.78 -12.08
C GLU A 38 7.21 -15.61 -13.01
N TYR A 39 7.05 -14.38 -12.48
CA TYR A 39 7.20 -13.14 -13.25
C TYR A 39 8.17 -12.24 -12.47
N PRO A 40 9.47 -12.62 -12.37
CA PRO A 40 10.39 -11.83 -11.52
C PRO A 40 10.59 -10.38 -11.94
N GLU A 41 10.46 -10.10 -13.24
CA GLU A 41 10.56 -8.76 -13.82
C GLU A 41 9.54 -7.74 -13.24
N LEU A 42 8.36 -8.24 -12.74
CA LEU A 42 7.32 -7.37 -12.14
C LEU A 42 7.79 -6.71 -10.83
N ASN A 43 8.80 -7.32 -10.15
CA ASN A 43 9.42 -6.75 -8.93
C ASN A 43 10.01 -5.37 -9.15
N GLU A 44 10.44 -5.05 -10.39
CA GLU A 44 11.03 -3.75 -10.72
C GLU A 44 10.06 -2.61 -10.47
N TYR A 45 8.75 -2.90 -10.50
CA TYR A 45 7.74 -1.88 -10.26
C TYR A 45 7.68 -1.42 -8.82
N VAL A 46 8.00 -2.31 -7.87
CA VAL A 46 8.05 -1.94 -6.44
C VAL A 46 9.25 -0.94 -6.28
N ALA A 47 10.44 -1.28 -6.81
CA ALA A 47 11.61 -0.40 -6.78
C ALA A 47 11.31 0.96 -7.51
N ALA A 48 10.59 0.90 -8.64
CA ALA A 48 10.22 2.11 -9.39
C ALA A 48 9.38 3.10 -8.55
N ILE A 49 8.35 2.59 -7.83
CA ILE A 49 7.53 3.47 -6.96
C ILE A 49 8.32 3.94 -5.72
N ARG A 50 9.20 3.11 -5.16
CA ARG A 50 10.01 3.54 -4.02
C ARG A 50 10.89 4.70 -4.46
N HIS A 51 11.34 4.66 -5.73
CA HIS A 51 12.17 5.75 -6.23
C HIS A 51 11.33 7.01 -6.46
N SER A 52 10.09 6.84 -6.94
CA SER A 52 9.22 7.99 -7.24
C SER A 52 8.46 8.55 -6.04
N TYR A 53 8.47 7.81 -4.93
CA TYR A 53 7.73 8.12 -3.70
C TYR A 53 7.82 9.59 -3.30
N TRP A 54 6.67 10.21 -3.01
CA TRP A 54 6.63 11.61 -2.60
C TRP A 54 5.35 11.87 -1.79
N ILE A 55 5.38 12.88 -0.91
CA ILE A 55 4.22 13.36 -0.14
C ILE A 55 4.18 14.84 -0.47
N HIS A 56 2.97 15.39 -0.59
CA HIS A 56 2.72 16.79 -0.90
C HIS A 56 3.40 17.77 0.09
N THR A 57 3.64 17.31 1.34
CA THR A 57 4.33 18.10 2.40
C THR A 57 5.82 18.37 2.07
N GLU A 58 6.38 17.74 1.00
CA GLU A 58 7.76 18.04 0.59
C GLU A 58 7.79 19.28 -0.29
N PHE A 59 6.62 19.74 -0.77
CA PHE A 59 6.54 20.95 -1.61
C PHE A 59 5.96 22.12 -0.88
N ASN A 60 6.37 23.31 -1.30
CA ASN A 60 5.89 24.54 -0.70
C ASN A 60 4.90 25.16 -1.69
N PHE A 61 3.63 25.31 -1.29
CA PHE A 61 2.60 25.86 -2.17
C PHE A 61 2.25 27.33 -1.89
N THR A 62 2.99 28.01 -0.97
CA THR A 62 2.69 29.42 -0.64
C THR A 62 2.63 30.32 -1.88
N SER A 63 3.63 30.24 -2.77
CA SER A 63 3.63 31.10 -3.99
C SER A 63 2.50 30.71 -4.95
N ASP A 64 2.16 29.40 -5.03
CA ASP A 64 1.07 28.89 -5.88
C ASP A 64 -0.27 29.47 -5.44
N ILE A 65 -0.50 29.57 -4.09
CA ILE A 65 -1.75 30.11 -3.53
C ILE A 65 -1.85 31.56 -3.96
N GLN A 66 -0.72 32.30 -3.82
CA GLN A 66 -0.65 33.72 -4.20
C GLN A 66 -0.85 33.90 -5.71
N ASP A 67 -0.19 33.06 -6.53
CA ASP A 67 -0.32 33.07 -8.01
C ASP A 67 -1.79 32.87 -8.39
N PHE A 68 -2.45 31.86 -7.78
CA PHE A 68 -3.85 31.53 -8.09
C PHE A 68 -4.81 32.66 -7.73
N LYS A 69 -4.51 33.40 -6.65
CA LYS A 69 -5.33 34.51 -6.17
C LYS A 69 -5.16 35.80 -6.97
N THR A 70 -3.90 36.19 -7.25
CA THR A 70 -3.61 37.50 -7.84
C THR A 70 -2.69 37.52 -9.05
N GLY A 71 -2.04 36.40 -9.36
CA GLY A 71 -1.10 36.41 -10.47
C GLY A 71 -1.67 36.07 -11.84
N LEU A 72 -2.91 35.56 -11.92
CA LEU A 72 -3.49 35.12 -13.19
C LEU A 72 -4.59 35.96 -13.72
N SER A 73 -4.66 36.05 -15.05
CA SER A 73 -5.74 36.75 -15.74
C SER A 73 -6.99 35.90 -15.54
N GLU A 74 -8.16 36.43 -15.86
CA GLU A 74 -9.44 35.73 -15.76
C GLU A 74 -9.43 34.42 -16.60
N VAL A 75 -8.88 34.48 -17.83
CA VAL A 75 -8.77 33.33 -18.74
C VAL A 75 -7.86 32.25 -18.14
N GLU A 76 -6.68 32.65 -17.63
CA GLU A 76 -5.71 31.73 -17.04
C GLU A 76 -6.23 31.08 -15.78
N ARG A 77 -6.88 31.85 -14.89
CA ARG A 77 -7.40 31.33 -13.62
C ARG A 77 -8.50 30.30 -13.86
N SER A 78 -9.40 30.54 -14.83
CA SER A 78 -10.49 29.61 -15.16
C SER A 78 -9.90 28.28 -15.66
N ALA A 79 -8.88 28.35 -16.56
CA ALA A 79 -8.19 27.18 -17.11
C ALA A 79 -7.48 26.38 -16.01
N ILE A 80 -6.76 27.06 -15.11
CA ILE A 80 -6.07 26.37 -14.01
C ILE A 80 -7.07 25.75 -13.03
N LYS A 81 -8.11 26.52 -12.66
CA LYS A 81 -9.14 26.03 -11.73
C LYS A 81 -9.77 24.75 -12.29
N ASN A 82 -10.20 24.78 -13.56
CA ASN A 82 -10.84 23.62 -14.20
C ASN A 82 -9.90 22.41 -14.32
N THR A 83 -8.63 22.67 -14.67
CA THR A 83 -7.60 21.62 -14.73
C THR A 83 -7.44 20.96 -13.35
N MET A 84 -7.32 21.76 -12.28
CA MET A 84 -7.19 21.22 -10.91
C MET A 84 -8.41 20.39 -10.50
N LEU A 85 -9.60 20.88 -10.85
CA LEU A 85 -10.86 20.17 -10.58
C LEU A 85 -10.91 18.84 -11.33
N ALA A 86 -10.45 18.83 -12.61
CA ALA A 86 -10.43 17.62 -13.45
C ALA A 86 -9.45 16.60 -12.90
N ILE A 87 -8.26 17.02 -12.41
CA ILE A 87 -7.32 16.06 -11.82
C ILE A 87 -7.96 15.44 -10.58
N SER A 88 -8.52 16.30 -9.74
CA SER A 88 -9.12 15.92 -8.45
C SER A 88 -10.31 14.99 -8.62
N GLN A 89 -11.05 15.11 -9.75
CA GLN A 89 -12.21 14.24 -10.02
C GLN A 89 -11.75 12.77 -10.00
N ILE A 90 -10.54 12.50 -10.50
CA ILE A 90 -9.95 11.14 -10.46
C ILE A 90 -9.16 10.88 -9.18
N GLU A 91 -8.24 11.82 -8.81
CA GLU A 91 -7.34 11.62 -7.67
C GLU A 91 -7.99 11.69 -6.29
N VAL A 92 -9.02 12.54 -6.10
CA VAL A 92 -9.65 12.70 -4.78
C VAL A 92 -10.84 11.77 -4.75
N ALA A 93 -10.55 10.49 -4.53
CA ALA A 93 -11.52 9.38 -4.54
C ALA A 93 -10.85 8.17 -3.87
N VAL A 94 -11.64 7.16 -3.50
CA VAL A 94 -11.12 5.90 -2.93
C VAL A 94 -10.66 5.11 -4.18
N LYS A 95 -9.41 4.66 -4.19
CA LYS A 95 -8.84 3.98 -5.34
C LYS A 95 -8.26 2.67 -4.86
N THR A 96 -9.06 1.61 -4.93
CA THR A 96 -8.63 0.30 -4.43
C THR A 96 -8.38 -0.74 -5.52
N PHE A 97 -8.44 -0.37 -6.83
CA PHE A 97 -8.25 -1.37 -7.89
C PHE A 97 -6.89 -2.10 -7.74
N TRP A 98 -5.79 -1.32 -7.66
CA TRP A 98 -4.45 -1.90 -7.57
C TRP A 98 -4.26 -2.78 -6.36
N GLY A 99 -4.82 -2.38 -5.23
CA GLY A 99 -4.73 -3.15 -3.99
C GLY A 99 -5.54 -4.44 -4.04
N ASP A 100 -6.41 -4.59 -5.04
CA ASP A 100 -7.23 -5.79 -5.18
C ASP A 100 -6.87 -6.74 -6.29
N VAL A 101 -5.85 -6.39 -7.10
CA VAL A 101 -5.42 -7.20 -8.25
CA VAL A 101 -5.44 -7.23 -8.25
C VAL A 101 -5.04 -8.64 -7.79
N HIS A 102 -4.41 -8.78 -6.61
CA HIS A 102 -3.98 -10.09 -6.09
C HIS A 102 -5.13 -11.11 -5.96
N HIS A 103 -6.38 -10.67 -5.80
CA HIS A 103 -7.52 -11.60 -5.68
C HIS A 103 -7.71 -12.41 -6.95
N ARG A 104 -7.52 -11.78 -8.10
CA ARG A 104 -7.71 -12.43 -9.39
C ARG A 104 -6.39 -12.85 -10.07
N LEU A 105 -5.26 -12.21 -9.69
CA LEU A 105 -3.91 -12.56 -10.20
C LEU A 105 -3.12 -12.93 -8.92
N PRO A 106 -3.37 -14.14 -8.36
CA PRO A 106 -2.84 -14.46 -7.02
C PRO A 106 -1.40 -14.89 -6.98
N LYS A 107 -0.52 -13.97 -7.34
CA LYS A 107 0.91 -14.21 -7.34
C LYS A 107 1.53 -13.27 -6.31
N PRO A 108 2.45 -13.77 -5.44
CA PRO A 108 3.13 -12.88 -4.47
C PRO A 108 3.76 -11.62 -5.11
N GLU A 109 4.44 -11.76 -6.25
CA GLU A 109 5.08 -10.63 -6.95
C GLU A 109 4.05 -9.57 -7.40
N ILE A 110 2.83 -10.01 -7.74
CA ILE A 110 1.75 -9.09 -8.15
C ILE A 110 1.15 -8.39 -6.92
N ALA A 111 0.95 -9.14 -5.84
CA ALA A 111 0.46 -8.65 -4.56
C ALA A 111 1.40 -7.53 -4.04
N ALA A 112 2.73 -7.71 -4.16
CA ALA A 112 3.72 -6.70 -3.70
C ALA A 112 3.59 -5.39 -4.51
N VAL A 113 3.45 -5.50 -5.84
CA VAL A 113 3.26 -4.31 -6.70
C VAL A 113 1.92 -3.64 -6.38
N GLY A 114 0.86 -4.43 -6.33
CA GLY A 114 -0.50 -3.94 -6.06
C GLY A 114 -0.57 -3.12 -4.78
N ALA A 115 0.04 -3.63 -3.69
CA ALA A 115 0.07 -2.93 -2.40
C ALA A 115 0.89 -1.63 -2.51
N THR A 116 2.01 -1.68 -3.23
CA THR A 116 2.88 -0.49 -3.38
C THR A 116 2.11 0.60 -4.18
N PHE A 117 1.40 0.18 -5.21
CA PHE A 117 0.61 1.09 -6.05
C PHE A 117 -0.59 1.65 -5.28
N ALA A 118 -1.29 0.79 -4.50
CA ALA A 118 -2.47 1.22 -3.71
C ALA A 118 -2.02 2.36 -2.74
N GLU A 119 -0.86 2.19 -2.06
CA GLU A 119 -0.36 3.24 -1.17
C GLU A 119 -0.04 4.53 -1.93
N SER A 120 0.52 4.43 -3.14
CA SER A 120 0.87 5.64 -3.91
C SER A 120 -0.41 6.42 -4.23
N GLU A 121 -1.54 5.72 -4.42
CA GLU A 121 -2.81 6.40 -4.69
C GLU A 121 -3.35 7.16 -3.50
N VAL A 122 -3.07 6.67 -2.29
CA VAL A 122 -3.42 7.38 -1.04
C VAL A 122 -2.60 8.69 -1.01
N ARG A 123 -1.29 8.62 -1.35
CA ARG A 123 -0.47 9.84 -1.39
C ARG A 123 -1.03 10.87 -2.41
N HIS A 124 -1.49 10.39 -3.58
CA HIS A 124 -2.07 11.29 -4.61
C HIS A 124 -3.34 11.90 -4.10
N HIS A 125 -4.21 11.09 -3.44
CA HIS A 125 -5.46 11.59 -2.90
C HIS A 125 -5.16 12.74 -1.90
N ASP A 126 -4.23 12.50 -0.95
CA ASP A 126 -3.90 13.51 0.07
C ASP A 126 -3.35 14.79 -0.54
N ALA A 127 -2.54 14.66 -1.60
CA ALA A 127 -1.96 15.79 -2.30
C ALA A 127 -3.03 16.67 -2.94
N TYR A 128 -3.93 16.09 -3.76
CA TYR A 128 -4.95 16.87 -4.45
C TYR A 128 -6.04 17.33 -3.52
N SER A 129 -6.30 16.56 -2.43
CA SER A 129 -7.28 17.00 -1.43
C SER A 129 -6.73 18.25 -0.74
N HIS A 130 -5.42 18.27 -0.45
CA HIS A 130 -4.77 19.44 0.17
C HIS A 130 -4.83 20.63 -0.78
N LEU A 131 -4.56 20.40 -2.07
CA LEU A 131 -4.59 21.47 -3.10
C LEU A 131 -5.99 22.07 -3.27
N LEU A 132 -7.07 21.24 -3.27
CA LEU A 132 -8.43 21.79 -3.36
C LEU A 132 -8.69 22.71 -2.16
N GLU A 133 -8.26 22.30 -0.95
CA GLU A 133 -8.45 23.05 0.28
C GLU A 133 -7.75 24.42 0.21
N ILE A 134 -6.44 24.44 -0.09
CA ILE A 134 -5.66 25.68 -0.04
C ILE A 134 -5.99 26.63 -1.19
N LEU A 135 -6.56 26.11 -2.30
CA LEU A 135 -6.95 26.94 -3.43
C LEU A 135 -8.40 27.40 -3.32
N GLY A 136 -9.06 27.01 -2.23
CA GLY A 136 -10.45 27.38 -1.96
C GLY A 136 -11.42 26.75 -2.95
N LEU A 137 -11.16 25.51 -3.37
CA LEU A 137 -11.99 24.83 -4.39
C LEU A 137 -12.89 23.70 -3.87
N ASN A 138 -13.02 23.57 -2.54
CA ASN A 138 -13.84 22.50 -1.93
C ASN A 138 -15.31 22.51 -2.34
N GLU A 139 -15.95 23.69 -2.37
CA GLU A 139 -17.35 23.82 -2.74
C GLU A 139 -17.55 23.54 -4.23
N GLU A 140 -16.65 24.06 -5.09
CA GLU A 140 -16.70 23.78 -6.54
C GLU A 140 -16.45 22.31 -6.83
N PHE A 141 -15.61 21.66 -6.02
CA PHE A 141 -15.36 20.23 -6.18
C PHE A 141 -16.62 19.40 -5.85
N LYS A 142 -17.35 19.79 -4.80
CA LYS A 142 -18.60 19.12 -4.39
C LYS A 142 -19.67 19.17 -5.50
N GLU A 143 -19.73 20.28 -6.25
CA GLU A 143 -20.71 20.51 -7.31
C GLU A 143 -20.26 20.01 -8.69
N LEU A 144 -18.98 19.65 -8.87
CA LEU A 144 -18.39 19.21 -10.13
C LEU A 144 -19.13 18.06 -10.82
N LYS A 145 -19.60 17.08 -10.04
CA LYS A 145 -20.32 15.88 -10.50
C LYS A 145 -21.62 16.20 -11.30
N LYS A 146 -22.17 17.39 -11.13
CA LYS A 146 -23.40 17.85 -11.81
C LYS A 146 -23.13 18.33 -13.24
N LYS A 147 -21.86 18.56 -13.61
CA LYS A 147 -21.51 19.07 -14.94
C LYS A 147 -21.62 17.98 -16.00
N PRO A 148 -22.37 18.23 -17.12
CA PRO A 148 -22.51 17.22 -18.18
C PRO A 148 -21.18 16.64 -18.68
N VAL A 149 -20.15 17.51 -18.88
CA VAL A 149 -18.84 17.02 -19.33
C VAL A 149 -18.23 16.02 -18.33
N ILE A 150 -18.44 16.26 -17.03
CA ILE A 150 -17.93 15.39 -15.95
C ILE A 150 -18.72 14.10 -15.91
N MET A 151 -20.05 14.19 -16.08
CA MET A 151 -20.87 12.97 -16.14
C MET A 151 -20.45 12.10 -17.32
N LYS A 152 -20.18 12.73 -18.48
CA LYS A 152 -19.73 11.99 -19.67
C LYS A 152 -18.37 11.31 -19.43
N ARG A 153 -17.49 11.99 -18.68
CA ARG A 153 -16.18 11.41 -18.33
C ARG A 153 -16.38 10.20 -17.40
N VAL A 154 -17.21 10.37 -16.36
CA VAL A 154 -17.55 9.30 -15.39
C VAL A 154 -18.13 8.09 -16.14
N HIS A 155 -18.93 8.32 -17.19
CA HIS A 155 -19.55 7.23 -17.96
C HIS A 155 -18.51 6.30 -18.57
N TYR A 156 -17.50 6.86 -19.28
CA TYR A 156 -16.47 6.01 -19.84
C TYR A 156 -15.59 5.39 -18.76
N LEU A 157 -15.31 6.13 -17.67
CA LEU A 157 -14.51 5.60 -16.56
C LEU A 157 -15.20 4.40 -15.91
N GLU A 158 -16.51 4.52 -15.63
CA GLU A 158 -17.27 3.41 -15.01
C GLU A 158 -17.42 2.24 -15.97
N THR A 159 -17.64 2.52 -17.27
CA THR A 159 -17.77 1.45 -18.28
C THR A 159 -16.47 0.66 -18.39
N SER A 160 -15.33 1.38 -18.35
CA SER A 160 -14.00 0.75 -18.40
C SER A 160 -13.78 -0.25 -17.25
N LEU A 161 -14.32 0.04 -16.05
CA LEU A 161 -14.15 -0.78 -14.84
C LEU A 161 -15.37 -1.61 -14.47
N LYS A 162 -16.33 -1.74 -15.38
CA LYS A 162 -17.56 -2.49 -15.11
C LYS A 162 -17.28 -3.96 -14.70
N HIS A 163 -16.15 -4.55 -15.14
CA HIS A 163 -15.83 -5.93 -14.79
C HIS A 163 -14.72 -6.07 -13.73
N ALA A 164 -14.40 -4.98 -13.02
CA ALA A 164 -13.34 -4.97 -12.00
C ALA A 164 -13.58 -6.01 -10.88
N LYS A 165 -14.83 -6.39 -10.64
CA LYS A 165 -15.20 -7.35 -9.58
C LYS A 165 -15.75 -8.67 -10.14
N SER A 166 -15.58 -8.91 -11.45
CA SER A 166 -16.06 -10.13 -12.11
C SER A 166 -15.28 -11.38 -11.68
N ASP A 167 -16.00 -12.51 -11.63
CA ASP A 167 -15.51 -13.86 -11.31
C ASP A 167 -14.94 -14.53 -12.57
N ASP A 168 -15.24 -13.95 -13.76
CA ASP A 168 -14.72 -14.45 -15.02
C ASP A 168 -13.39 -13.73 -15.29
N ASP A 169 -12.31 -14.49 -15.50
CA ASP A 169 -10.96 -13.96 -15.75
C ASP A 169 -10.88 -13.14 -17.03
N ARG A 170 -11.63 -13.56 -18.06
CA ARG A 170 -11.62 -12.82 -19.33
C ARG A 170 -12.28 -11.45 -19.20
N GLU A 171 -13.42 -11.36 -18.48
CA GLU A 171 -14.10 -10.07 -18.25
C GLU A 171 -13.19 -9.20 -17.36
N TYR A 172 -12.61 -9.78 -16.29
CA TYR A 172 -11.71 -9.01 -15.42
C TYR A 172 -10.54 -8.43 -16.22
N THR A 173 -9.99 -9.22 -17.18
CA THR A 173 -8.90 -8.81 -18.08
C THR A 173 -9.29 -7.51 -18.84
N GLU A 174 -10.52 -7.40 -19.33
CA GLU A 174 -11.02 -6.22 -20.02
C GLU A 174 -10.86 -4.98 -19.12
N SER A 175 -11.24 -5.09 -17.82
CA SER A 175 -11.10 -3.99 -16.84
CA SER A 175 -11.11 -3.98 -16.86
C SER A 175 -9.66 -3.57 -16.63
N ILE A 176 -8.73 -4.54 -16.47
CA ILE A 176 -7.28 -4.26 -16.28
C ILE A 176 -6.78 -3.50 -17.50
N LEU A 177 -7.11 -4.02 -18.68
CA LEU A 177 -6.66 -3.48 -19.95
C LEU A 177 -7.07 -2.01 -20.11
N LEU A 178 -8.36 -1.72 -20.00
CA LEU A 178 -8.89 -0.35 -20.17
C LEU A 178 -8.39 0.57 -19.08
N PHE A 179 -8.37 0.08 -17.84
CA PHE A 179 -7.83 0.83 -16.72
C PHE A 179 -6.36 1.22 -16.94
N ALA A 180 -5.51 0.26 -17.29
CA ALA A 180 -4.07 0.58 -17.47
C ALA A 180 -3.76 1.41 -18.70
N LEU A 181 -4.29 1.00 -19.86
CA LEU A 181 -3.94 1.63 -21.12
C LEU A 181 -4.53 2.99 -21.27
N PHE A 182 -5.76 3.17 -20.83
CA PHE A 182 -6.45 4.43 -21.07
C PHE A 182 -6.64 5.25 -19.85
N ILE A 183 -7.04 4.66 -18.72
CA ILE A 183 -7.28 5.48 -17.54
C ILE A 183 -5.96 5.93 -16.92
N GLU A 184 -5.07 4.98 -16.61
CA GLU A 184 -3.80 5.30 -15.97
C GLU A 184 -2.84 6.03 -16.89
N HIS A 185 -2.77 5.62 -18.14
CA HIS A 185 -1.82 6.24 -19.05
C HIS A 185 -2.32 7.50 -19.76
N VAL A 186 -3.61 7.82 -19.73
CA VAL A 186 -4.07 8.98 -20.52
C VAL A 186 -5.05 9.90 -19.81
N SER A 187 -6.01 9.39 -19.01
CA SER A 187 -7.09 10.22 -18.45
C SER A 187 -6.62 11.53 -17.81
N LEU A 188 -5.55 11.49 -17.02
CA LEU A 188 -5.07 12.69 -16.36
C LEU A 188 -4.03 13.47 -17.13
N PHE A 189 -3.53 12.92 -18.22
CA PHE A 189 -2.36 13.48 -18.87
C PHE A 189 -2.58 14.83 -19.61
N SER A 190 -3.78 15.16 -20.08
CA SER A 190 -3.99 16.50 -20.66
C SER A 190 -3.83 17.51 -19.53
N GLN A 191 -4.31 17.17 -18.29
CA GLN A 191 -4.25 18.05 -17.13
C GLN A 191 -2.83 18.21 -16.64
N PHE A 192 -2.06 17.11 -16.58
CA PHE A 192 -0.64 17.16 -16.18
C PHE A 192 0.12 18.03 -17.17
N LEU A 193 -0.15 17.85 -18.46
CA LEU A 193 0.45 18.66 -19.52
C LEU A 193 0.11 20.17 -19.31
N ILE A 194 -1.16 20.52 -19.09
CA ILE A 194 -1.58 21.93 -18.90
C ILE A 194 -0.81 22.60 -17.75
N ILE A 195 -0.75 21.95 -16.59
CA ILE A 195 -0.03 22.50 -15.44
C ILE A 195 1.47 22.68 -15.71
N MET A 196 2.11 21.63 -16.22
CA MET A 196 3.55 21.69 -16.51
C MET A 196 3.86 22.73 -17.61
N ALA A 197 3.00 22.84 -18.64
CA ALA A 197 3.17 23.84 -19.71
C ALA A 197 3.03 25.25 -19.16
N PHE A 198 2.07 25.46 -18.24
CA PHE A 198 1.84 26.75 -17.60
C PHE A 198 3.08 27.19 -16.79
N ASN A 199 3.67 26.25 -16.05
CA ASN A 199 4.88 26.53 -15.28
C ASN A 199 6.08 26.77 -16.18
N LYS A 200 6.22 25.98 -17.26
CA LYS A 200 7.32 26.12 -18.24
C LYS A 200 7.27 27.51 -18.89
N HIS A 201 6.08 27.94 -19.31
CA HIS A 201 5.91 29.23 -20.00
C HIS A 201 5.89 30.46 -19.09
N LYS A 202 5.23 30.37 -17.92
CA LYS A 202 4.99 31.52 -17.04
C LYS A 202 5.80 31.55 -15.75
N ASN A 203 6.56 30.47 -15.43
CA ASN A 203 7.34 30.37 -14.19
C ASN A 203 6.46 30.63 -12.94
N MET A 204 5.21 30.14 -12.99
CA MET A 204 4.23 30.26 -11.93
C MET A 204 3.77 28.85 -11.55
N LEU A 205 3.03 28.72 -10.45
CA LEU A 205 2.52 27.41 -10.00
C LEU A 205 3.66 26.41 -9.78
N LYS A 206 4.76 26.87 -9.18
CA LYS A 206 5.96 26.05 -8.93
C LYS A 206 5.68 24.78 -8.14
N GLY A 207 5.07 24.91 -6.97
CA GLY A 207 4.76 23.78 -6.10
C GLY A 207 3.78 22.82 -6.72
N ILE A 208 2.72 23.34 -7.35
CA ILE A 208 1.70 22.50 -8.02
C ILE A 208 2.32 21.71 -9.18
N SER A 209 3.17 22.36 -10.02
CA SER A 209 3.81 21.64 -11.13
C SER A 209 4.76 20.57 -10.63
N ASN A 210 5.43 20.79 -9.48
CA ASN A 210 6.27 19.75 -8.85
C ASN A 210 5.41 18.53 -8.47
N ALA A 211 4.25 18.78 -7.80
CA ALA A 211 3.34 17.71 -7.36
C ALA A 211 2.77 16.99 -8.60
N VAL A 212 2.43 17.77 -9.65
CA VAL A 212 1.89 17.19 -10.90
C VAL A 212 2.95 16.33 -11.60
N GLU A 213 4.21 16.81 -11.64
CA GLU A 213 5.28 16.04 -12.26
C GLU A 213 5.49 14.72 -11.50
N ALA A 214 5.50 14.77 -10.18
CA ALA A 214 5.64 13.59 -9.31
C ALA A 214 4.46 12.61 -9.54
N THR A 215 3.22 13.13 -9.68
CA THR A 215 2.02 12.30 -9.95
C THR A 215 2.13 11.65 -11.33
N SER A 216 2.54 12.45 -12.39
CA SER A 216 2.69 11.96 -13.76
CA SER A 216 2.65 11.91 -13.74
C SER A 216 3.62 10.74 -13.82
N LYS A 217 4.78 10.84 -13.13
CA LYS A 217 5.76 9.75 -13.12
C LYS A 217 5.16 8.47 -12.52
N GLU A 218 4.39 8.61 -11.45
CA GLU A 218 3.75 7.44 -10.82
C GLU A 218 2.60 6.86 -11.66
N GLU A 219 1.83 7.70 -12.35
CA GLU A 219 0.78 7.17 -13.25
C GLU A 219 1.42 6.46 -14.45
N GLN A 220 2.60 6.97 -14.92
CA GLN A 220 3.32 6.34 -16.02
C GLN A 220 3.73 4.91 -15.60
N ILE A 221 4.29 4.78 -14.39
CA ILE A 221 4.69 3.48 -13.79
C ILE A 221 3.43 2.60 -13.64
N HIS A 222 2.32 3.15 -13.11
CA HIS A 222 1.07 2.33 -12.96
C HIS A 222 0.61 1.71 -14.27
N GLY A 223 0.52 2.53 -15.33
CA GLY A 223 0.09 2.05 -16.64
C GLY A 223 1.05 1.06 -17.27
N ASP A 224 2.38 1.25 -17.07
CA ASP A 224 3.42 0.34 -17.58
C ASP A 224 3.27 -1.04 -17.00
N PHE A 225 3.04 -1.14 -15.68
CA PHE A 225 2.79 -2.44 -15.04
C PHE A 225 1.52 -3.10 -15.63
N GLY A 226 0.45 -2.34 -15.80
CA GLY A 226 -0.79 -2.86 -16.37
C GLY A 226 -0.58 -3.38 -17.78
N VAL A 227 0.23 -2.64 -18.60
CA VAL A 227 0.59 -3.06 -19.96
C VAL A 227 1.32 -4.43 -19.89
N ASP A 228 2.29 -4.57 -18.97
CA ASP A 228 3.05 -5.81 -18.78
C ASP A 228 2.11 -6.96 -18.38
N ILE A 229 1.15 -6.69 -17.50
CA ILE A 229 0.15 -7.69 -17.06
C ILE A 229 -0.68 -8.14 -18.29
N ILE A 230 -1.16 -7.18 -19.07
CA ILE A 230 -1.93 -7.51 -20.28
C ILE A 230 -1.12 -8.35 -21.23
N ASN A 231 0.19 -8.01 -21.44
CA ASN A 231 1.01 -8.82 -22.34
C ASN A 231 1.26 -10.23 -21.79
N ILE A 232 1.27 -10.41 -20.46
CA ILE A 232 1.37 -11.77 -19.91
C ILE A 232 0.05 -12.53 -20.19
N ILE A 233 -1.09 -11.88 -19.91
CA ILE A 233 -2.41 -12.49 -20.15
C ILE A 233 -2.55 -12.86 -21.64
N LYS A 234 -2.12 -11.97 -22.54
CA LYS A 234 -2.20 -12.17 -23.99
C LYS A 234 -1.28 -13.30 -24.42
N LYS A 235 -0.09 -13.41 -23.81
CA LYS A 235 0.84 -14.49 -24.10
C LYS A 235 0.27 -15.84 -23.65
N GLU A 236 -0.37 -15.88 -22.48
CA GLU A 236 -0.88 -17.15 -21.96
C GLU A 236 -2.24 -17.53 -22.55
N ASN A 237 -3.03 -16.53 -22.99
CA ASN A 237 -4.38 -16.74 -23.54
C ASN A 237 -4.53 -15.97 -24.87
N PRO A 238 -3.72 -16.29 -25.92
CA PRO A 238 -3.82 -15.51 -27.17
C PRO A 238 -5.20 -15.51 -27.83
N GLU A 239 -5.94 -16.61 -27.68
CA GLU A 239 -7.29 -16.79 -28.27
C GLU A 239 -8.35 -15.82 -27.71
N TRP A 240 -8.09 -15.21 -26.51
CA TRP A 240 -9.01 -14.22 -25.95
C TRP A 240 -8.99 -12.90 -26.72
N PHE A 241 -7.86 -12.61 -27.40
CA PHE A 241 -7.64 -11.34 -28.10
C PHE A 241 -7.99 -11.45 -29.60
N ASP A 242 -9.27 -11.73 -29.88
CA ASP A 242 -9.73 -11.91 -31.25
C ASP A 242 -10.09 -10.57 -31.86
N GLU A 243 -10.44 -10.55 -33.15
CA GLU A 243 -10.78 -9.33 -33.86
C GLU A 243 -11.97 -8.60 -33.20
N GLU A 244 -13.01 -9.36 -32.79
CA GLU A 244 -14.18 -8.78 -32.11
C GLU A 244 -13.78 -8.04 -30.82
N HIS A 245 -12.95 -8.67 -29.94
CA HIS A 245 -12.56 -8.03 -28.70
C HIS A 245 -11.56 -6.91 -28.93
N ASN A 246 -10.73 -7.00 -29.99
CA ASN A 246 -9.81 -5.91 -30.31
C ASN A 246 -10.58 -4.70 -30.82
N ASN A 247 -11.70 -4.94 -31.54
CA ASN A 247 -12.56 -3.85 -32.02
C ASN A 247 -13.22 -3.14 -30.85
N LEU A 248 -13.62 -3.86 -29.79
CA LEU A 248 -14.22 -3.30 -28.57
C LEU A 248 -13.21 -2.38 -27.88
N ILE A 249 -11.94 -2.81 -27.80
CA ILE A 249 -10.84 -2.01 -27.20
C ILE A 249 -10.72 -0.71 -27.99
N LYS A 250 -10.72 -0.79 -29.34
CA LYS A 250 -10.63 0.41 -30.20
C LYS A 250 -11.82 1.34 -30.06
N GLU A 251 -13.04 0.77 -29.89
CA GLU A 251 -14.24 1.55 -29.67
C GLU A 251 -14.11 2.25 -28.28
N MET A 252 -13.59 1.53 -27.25
CA MET A 252 -13.37 2.16 -25.95
C MET A 252 -12.28 3.23 -25.99
N CYS A 253 -11.27 3.06 -26.84
CA CYS A 253 -10.20 4.03 -27.04
C CYS A 253 -10.79 5.32 -27.58
N LEU A 254 -11.67 5.21 -28.59
CA LEU A 254 -12.35 6.37 -29.19
C LEU A 254 -13.26 7.08 -28.18
N ASN A 255 -14.05 6.32 -27.39
CA ASN A 255 -14.91 6.87 -26.33
C ASN A 255 -14.08 7.65 -25.31
N SER A 256 -12.93 7.10 -24.88
CA SER A 256 -12.00 7.73 -23.92
C SER A 256 -11.46 9.03 -24.51
N PHE A 257 -11.00 8.99 -25.77
CA PHE A 257 -10.49 10.21 -26.40
C PHE A 257 -11.55 11.29 -26.50
N GLU A 258 -12.77 10.94 -26.98
CA GLU A 258 -13.84 11.92 -27.16
C GLU A 258 -14.20 12.58 -25.83
N ALA A 259 -14.30 11.80 -24.76
CA ALA A 259 -14.62 12.32 -23.44
C ALA A 259 -13.49 13.23 -22.89
N GLU A 260 -12.22 12.82 -23.04
CA GLU A 260 -11.09 13.62 -22.58
C GLU A 260 -10.90 14.88 -23.42
N SER A 261 -11.21 14.77 -24.72
CA SER A 261 -11.15 15.92 -25.63
C SER A 261 -12.23 16.94 -25.20
N LYS A 262 -13.43 16.47 -24.76
CA LYS A 262 -14.50 17.35 -24.30
C LYS A 262 -14.14 17.97 -22.93
N VAL A 263 -13.39 17.25 -22.09
CA VAL A 263 -12.89 17.78 -20.81
C VAL A 263 -11.95 18.97 -21.11
N VAL A 264 -11.10 18.85 -22.15
CA VAL A 264 -10.18 19.90 -22.60
C VAL A 264 -10.99 21.15 -23.05
N ASP A 265 -12.07 20.94 -23.81
CA ASP A 265 -12.99 22.03 -24.25
C ASP A 265 -13.54 22.77 -23.03
N TRP A 266 -13.97 22.02 -21.98
CA TRP A 266 -14.48 22.58 -20.74
C TRP A 266 -13.37 23.31 -19.96
N ILE A 267 -12.17 22.74 -19.88
CA ILE A 267 -11.06 23.40 -19.17
C ILE A 267 -10.87 24.82 -19.73
N PHE A 268 -10.93 24.96 -21.06
CA PHE A 268 -10.74 26.23 -21.76
C PHE A 268 -12.02 26.92 -22.15
N GLU A 269 -13.12 26.69 -21.39
CA GLU A 269 -14.42 27.32 -21.69
C GLU A 269 -14.34 28.87 -21.72
N LYS A 270 -13.47 29.48 -20.89
CA LYS A 270 -13.32 30.94 -20.87
C LYS A 270 -12.24 31.46 -21.86
N GLY A 271 -11.61 30.56 -22.61
CA GLY A 271 -10.61 30.93 -23.58
C GLY A 271 -9.40 30.03 -23.57
N GLU A 272 -8.79 29.85 -24.74
CA GLU A 272 -7.60 28.99 -24.88
C GLU A 272 -6.35 29.73 -24.40
N LEU A 273 -5.28 28.98 -24.10
CA LEU A 273 -3.99 29.55 -23.75
C LEU A 273 -3.21 29.55 -25.05
N ASP A 274 -2.74 30.74 -25.49
CA ASP A 274 -2.01 30.91 -26.76
C ASP A 274 -0.79 30.01 -26.90
N PHE A 275 -0.07 29.75 -25.81
CA PHE A 275 1.12 28.90 -25.80
C PHE A 275 0.82 27.40 -25.79
N LEU A 276 -0.45 27.01 -25.49
CA LEU A 276 -0.86 25.59 -25.48
C LEU A 276 -2.28 25.46 -26.03
N PRO A 277 -2.45 25.63 -27.37
CA PRO A 277 -3.78 25.53 -27.97
C PRO A 277 -4.39 24.14 -27.80
N LYS A 278 -5.73 24.05 -27.86
CA LYS A 278 -6.44 22.78 -27.74
C LYS A 278 -6.00 21.78 -28.82
N ALA A 279 -5.72 22.27 -30.06
CA ALA A 279 -5.26 21.43 -31.18
C ALA A 279 -3.95 20.70 -30.83
N VAL A 280 -3.06 21.38 -30.08
CA VAL A 280 -1.80 20.81 -29.61
C VAL A 280 -2.09 19.73 -28.51
N ILE A 281 -3.01 20.03 -27.59
CA ILE A 281 -3.36 19.08 -26.50
C ILE A 281 -4.02 17.83 -27.10
N ASN A 282 -4.93 18.01 -28.06
CA ASN A 282 -5.64 16.90 -28.72
C ASN A 282 -4.67 15.96 -29.47
N GLU A 283 -3.64 16.52 -30.16
CA GLU A 283 -2.64 15.68 -30.84
C GLU A 283 -1.83 14.89 -29.82
N PHE A 284 -1.48 15.53 -28.70
CA PHE A 284 -0.77 14.91 -27.58
C PHE A 284 -1.54 13.70 -27.07
N LEU A 285 -2.86 13.84 -26.90
CA LEU A 285 -3.75 12.78 -26.39
C LEU A 285 -3.88 11.65 -27.38
N LYS A 286 -4.12 11.97 -28.67
CA LYS A 286 -4.25 10.95 -29.72
C LYS A 286 -3.01 10.07 -29.77
N ASN A 287 -1.81 10.69 -29.70
CA ASN A 287 -0.54 9.98 -29.69
C ASN A 287 -0.41 9.04 -28.47
N ARG A 288 -0.81 9.47 -27.27
CA ARG A 288 -0.79 8.62 -26.07
C ARG A 288 -1.72 7.42 -26.24
N PHE A 289 -2.91 7.64 -26.81
CA PHE A 289 -3.88 6.57 -27.09
C PHE A 289 -3.28 5.58 -28.08
N ASN A 290 -2.59 6.07 -29.15
CA ASN A 290 -1.93 5.21 -30.15
C ASN A 290 -0.86 4.36 -29.51
N LYS A 291 -0.01 4.96 -28.65
CA LYS A 291 1.08 4.25 -27.98
C LYS A 291 0.53 3.15 -27.05
N SER A 292 -0.59 3.40 -26.38
CA SER A 292 -1.22 2.39 -25.50
C SER A 292 -1.69 1.17 -26.32
N LEU A 293 -2.30 1.41 -27.49
CA LEU A 293 -2.76 0.36 -28.40
C LEU A 293 -1.57 -0.45 -28.92
N GLU A 294 -0.52 0.25 -29.38
CA GLU A 294 0.68 -0.39 -29.89
C GLU A 294 1.45 -1.19 -28.81
N ALA A 295 1.38 -0.74 -27.56
CA ALA A 295 2.06 -1.40 -26.43
C ALA A 295 1.55 -2.84 -26.20
N ILE A 296 0.31 -3.14 -26.65
CA ILE A 296 -0.27 -4.48 -26.52
C ILE A 296 -0.44 -5.17 -27.89
N GLY A 297 0.21 -4.64 -28.92
CA GLY A 297 0.22 -5.24 -30.26
C GLY A 297 -0.92 -4.89 -31.17
N LEU A 298 -1.72 -3.88 -30.82
CA LEU A 298 -2.83 -3.43 -31.67
C LEU A 298 -2.33 -2.29 -32.55
N GLU A 299 -2.97 -2.09 -33.69
CA GLU A 299 -2.62 -1.03 -34.59
C GLU A 299 -3.15 0.34 -34.11
N LYS A 300 -2.36 1.42 -34.41
CA LYS A 300 -2.65 2.84 -34.18
C LYS A 300 -4.10 3.12 -34.62
N LEU A 301 -4.80 3.99 -33.91
CA LEU A 301 -6.16 4.36 -34.31
C LEU A 301 -6.22 5.76 -34.94
N PHE A 302 -5.39 6.69 -34.46
CA PHE A 302 -5.43 8.10 -34.89
C PHE A 302 -4.35 8.51 -35.83
N ASP A 303 -4.71 9.31 -36.85
CA ASP A 303 -3.77 9.92 -37.77
C ASP A 303 -3.14 11.09 -37.00
N ILE A 304 -1.81 11.21 -37.03
CA ILE A 304 -1.10 12.23 -36.26
C ILE A 304 -0.51 13.33 -37.12
N ASP A 305 -0.75 14.59 -36.70
CA ASP A 305 -0.15 15.78 -37.32
C ASP A 305 1.17 15.94 -36.52
N GLU A 306 2.29 15.54 -37.14
CA GLU A 306 3.62 15.52 -36.52
C GLU A 306 4.09 16.87 -36.00
N ALA A 307 3.80 17.97 -36.74
CA ALA A 307 4.22 19.32 -36.35
C ALA A 307 3.56 19.74 -35.03
N LEU A 308 2.24 19.49 -34.89
CA LEU A 308 1.50 19.79 -33.66
C LEU A 308 1.95 18.88 -32.52
N LEU A 309 2.26 17.59 -32.82
CA LEU A 309 2.75 16.65 -31.80
C LEU A 309 4.10 17.05 -31.22
N GLN A 310 5.00 17.56 -32.09
CA GLN A 310 6.35 17.98 -31.72
C GLN A 310 6.35 19.02 -30.61
N GLU A 311 5.32 19.89 -30.59
CA GLU A 311 5.12 20.95 -29.62
C GLU A 311 5.01 20.45 -28.17
N THR A 312 4.72 19.14 -27.96
CA THR A 312 4.61 18.59 -26.60
C THR A 312 5.64 17.51 -26.30
N GLU A 313 6.62 17.30 -27.21
CA GLU A 313 7.70 16.33 -27.03
C GLU A 313 8.47 16.56 -25.70
N TRP A 314 8.61 17.84 -25.26
CA TRP A 314 9.29 18.23 -24.02
C TRP A 314 8.65 17.54 -22.80
N PHE A 315 7.34 17.21 -22.88
CA PHE A 315 6.61 16.59 -21.77
C PHE A 315 7.14 15.20 -21.45
N ASP A 316 7.18 14.31 -22.43
CA ASP A 316 7.71 12.95 -22.29
C ASP A 316 9.21 12.97 -21.96
N ASP A 317 9.95 13.96 -22.52
CA ASP A 317 11.38 14.13 -22.23
C ASP A 317 11.59 14.42 -20.73
N GLU A 318 10.61 15.10 -20.08
CA GLU A 318 10.65 15.39 -18.65
C GLU A 318 10.19 14.19 -17.78
N ILE A 319 9.05 13.58 -18.13
CA ILE A 319 8.47 12.45 -17.38
C ILE A 319 9.34 11.19 -17.49
N ILE A 320 9.70 10.77 -18.72
CA ILE A 320 10.49 9.56 -18.95
C ILE A 320 11.95 9.80 -18.62
N THR B 25 -23.11 5.87 13.41
CA THR B 25 -22.09 5.23 12.58
C THR B 25 -22.13 3.69 12.66
N ASN B 26 -21.92 3.03 11.51
CA ASN B 26 -21.80 1.57 11.38
C ASN B 26 -20.54 1.30 10.53
N ILE B 27 -19.48 0.85 11.18
CA ILE B 27 -18.18 0.59 10.55
C ILE B 27 -18.28 -0.42 9.39
N PHE B 28 -19.29 -1.31 9.44
CA PHE B 28 -19.48 -2.34 8.44
C PHE B 28 -20.23 -1.91 7.20
N GLU B 29 -20.81 -0.73 7.23
CA GLU B 29 -21.59 -0.29 6.07
C GLU B 29 -20.88 0.77 5.26
N LYS B 30 -21.01 0.66 3.95
CA LYS B 30 -20.40 1.61 3.01
C LYS B 30 -21.12 2.97 3.13
N ARG B 31 -20.43 4.11 3.02
CA ARG B 31 -21.14 5.41 3.07
C ARG B 31 -21.13 6.10 1.70
N ILE B 32 -22.14 6.94 1.42
CA ILE B 32 -22.28 7.64 0.13
C ILE B 32 -21.17 8.70 -0.11
N ASN B 33 -21.03 9.70 0.80
CA ASN B 33 -20.06 10.79 0.64
C ASN B 33 -18.66 10.47 1.16
N LEU B 34 -17.62 10.95 0.45
CA LEU B 34 -16.20 10.79 0.82
C LEU B 34 -15.95 11.54 2.14
N LYS B 35 -16.46 12.76 2.23
CA LYS B 35 -16.33 13.65 3.38
C LYS B 35 -17.70 14.09 3.91
N PRO B 36 -17.87 14.33 5.24
CA PRO B 36 -16.86 14.23 6.31
C PRO B 36 -16.56 12.80 6.75
N TYR B 37 -15.38 12.60 7.33
CA TYR B 37 -14.95 11.30 7.84
C TYR B 37 -15.81 10.92 9.05
N GLU B 38 -16.12 9.63 9.20
CA GLU B 38 -16.90 9.20 10.36
C GLU B 38 -15.97 8.89 11.50
N TYR B 39 -14.74 8.44 11.17
CA TYR B 39 -13.71 8.13 12.16
C TYR B 39 -12.45 8.93 11.76
N PRO B 40 -12.49 10.29 11.86
CA PRO B 40 -11.34 11.11 11.43
C PRO B 40 -10.01 10.82 12.10
N GLU B 41 -10.07 10.36 13.35
CA GLU B 41 -8.91 10.00 14.17
C GLU B 41 -8.07 8.87 13.57
N LEU B 42 -8.67 7.98 12.74
CA LEU B 42 -7.97 6.87 12.08
C LEU B 42 -6.96 7.38 11.05
N ASN B 43 -7.14 8.61 10.55
CA ASN B 43 -6.24 9.26 9.58
C ASN B 43 -4.84 9.47 10.11
N GLU B 44 -4.69 9.54 11.44
CA GLU B 44 -3.39 9.71 12.10
C GLU B 44 -2.48 8.51 11.84
N TYR B 45 -3.06 7.34 11.53
CA TYR B 45 -2.26 6.14 11.25
C TYR B 45 -1.53 6.21 9.92
N VAL B 46 -2.10 6.92 8.94
CA VAL B 46 -1.44 7.14 7.63
C VAL B 46 -0.20 8.02 7.89
N ALA B 47 -0.38 9.14 8.62
CA ALA B 47 0.73 10.03 8.98
C ALA B 47 1.81 9.28 9.83
N ALA B 48 1.36 8.40 10.75
CA ALA B 48 2.29 7.63 11.58
C ALA B 48 3.21 6.72 10.77
N ILE B 49 2.66 6.00 9.76
CA ILE B 49 3.47 5.15 8.88
C ILE B 49 4.35 5.98 7.94
N ARG B 50 3.86 7.13 7.45
CA ARG B 50 4.70 7.98 6.60
C ARG B 50 5.90 8.44 7.41
N HIS B 51 5.72 8.68 8.70
CA HIS B 51 6.84 9.10 9.54
C HIS B 51 7.80 7.92 9.79
N SER B 52 7.26 6.70 9.94
CA SER B 52 8.08 5.53 10.25
C SER B 52 8.69 4.86 9.04
N TYR B 53 8.24 5.26 7.83
CA TYR B 53 8.61 4.68 6.54
C TYR B 53 10.11 4.45 6.42
N TRP B 54 10.50 3.27 5.98
CA TRP B 54 11.91 2.91 5.81
C TRP B 54 12.03 1.76 4.80
N ILE B 55 13.18 1.66 4.13
CA ILE B 55 13.52 0.57 3.21
C ILE B 55 14.86 0.06 3.70
N HIS B 56 15.11 -1.26 3.60
CA HIS B 56 16.37 -1.88 4.03
C HIS B 56 17.63 -1.33 3.34
N THR B 57 17.44 -0.74 2.14
CA THR B 57 18.53 -0.11 1.39
C THR B 57 19.05 1.17 2.07
N GLU B 58 18.40 1.64 3.16
CA GLU B 58 18.97 2.80 3.88
C GLU B 58 19.98 2.38 4.92
N PHE B 59 20.06 1.06 5.19
CA PHE B 59 20.99 0.56 6.19
C PHE B 59 22.17 -0.16 5.55
N ASN B 60 23.30 -0.10 6.25
CA ASN B 60 24.53 -0.79 5.86
C ASN B 60 24.65 -2.04 6.72
N PHE B 61 24.61 -3.23 6.09
CA PHE B 61 24.72 -4.49 6.84
C PHE B 61 26.09 -5.16 6.77
N THR B 62 27.10 -4.49 6.15
CA THR B 62 28.44 -5.10 6.04
C THR B 62 29.02 -5.56 7.37
N SER B 63 28.95 -4.72 8.43
CA SER B 63 29.50 -5.13 9.74
C SER B 63 28.67 -6.26 10.35
N ASP B 64 27.35 -6.27 10.15
CA ASP B 64 26.44 -7.31 10.64
C ASP B 64 26.80 -8.67 10.04
N ILE B 65 27.11 -8.71 8.71
CA ILE B 65 27.51 -9.95 8.00
C ILE B 65 28.79 -10.47 8.64
N GLN B 66 29.77 -9.54 8.88
CA GLN B 66 31.05 -9.89 9.50
C GLN B 66 30.86 -10.37 10.95
N ASP B 67 30.00 -9.67 11.73
CA ASP B 67 29.67 -10.03 13.13
C ASP B 67 29.10 -11.44 13.15
N PHE B 68 28.12 -11.73 12.27
CA PHE B 68 27.45 -13.02 12.20
C PHE B 68 28.41 -14.14 11.82
N LYS B 69 29.31 -13.85 10.88
CA LYS B 69 30.34 -14.74 10.39
C LYS B 69 31.40 -15.07 11.45
N THR B 70 32.09 -14.05 12.00
CA THR B 70 33.20 -14.30 12.93
C THR B 70 33.18 -13.61 14.31
N GLY B 71 32.20 -12.75 14.61
CA GLY B 71 32.21 -12.00 15.87
C GLY B 71 31.48 -12.62 17.04
N LEU B 72 30.74 -13.71 16.82
CA LEU B 72 29.93 -14.32 17.87
C LEU B 72 30.43 -15.67 18.33
N SER B 73 30.17 -15.98 19.62
CA SER B 73 30.45 -17.30 20.16
C SER B 73 29.41 -18.25 19.51
N GLU B 74 29.58 -19.58 19.64
CA GLU B 74 28.61 -20.49 19.03
C GLU B 74 27.20 -20.33 19.64
N VAL B 75 27.13 -20.10 20.97
CA VAL B 75 25.87 -19.88 21.68
C VAL B 75 25.16 -18.63 21.13
N GLU B 76 25.91 -17.51 20.98
CA GLU B 76 25.35 -16.25 20.46
C GLU B 76 24.90 -16.39 19.01
N ARG B 77 25.71 -17.05 18.17
CA ARG B 77 25.39 -17.21 16.74
C ARG B 77 24.11 -18.03 16.54
N SER B 78 23.93 -19.11 17.31
CA SER B 78 22.75 -19.97 17.23
C SER B 78 21.49 -19.17 17.62
N ALA B 79 21.58 -18.38 18.71
CA ALA B 79 20.48 -17.52 19.18
C ALA B 79 20.10 -16.47 18.13
N ILE B 80 21.10 -15.79 17.53
CA ILE B 80 20.83 -14.78 16.50
C ILE B 80 20.23 -15.42 15.24
N LYS B 81 20.82 -16.54 14.79
CA LYS B 81 20.34 -17.26 13.61
C LYS B 81 18.86 -17.63 13.80
N ASN B 82 18.51 -18.27 14.94
CA ASN B 82 17.14 -18.70 15.21
C ASN B 82 16.17 -17.52 15.33
N THR B 83 16.60 -16.44 15.98
CA THR B 83 15.81 -15.19 16.09
C THR B 83 15.51 -14.64 14.68
N MET B 84 16.53 -14.56 13.81
CA MET B 84 16.32 -14.05 12.43
C MET B 84 15.36 -14.95 11.63
N LEU B 85 15.49 -16.26 11.81
CA LEU B 85 14.61 -17.25 11.15
C LEU B 85 13.16 -17.09 11.65
N ALA B 86 12.99 -16.86 12.98
CA ALA B 86 11.67 -16.68 13.60
C ALA B 86 11.01 -15.39 13.10
N ILE B 87 11.77 -14.29 12.96
CA ILE B 87 11.19 -13.04 12.42
C ILE B 87 10.72 -13.27 11.00
N SER B 88 11.60 -13.88 10.19
CA SER B 88 11.37 -14.15 8.79
C SER B 88 10.19 -15.07 8.54
N GLN B 89 9.92 -16.01 9.49
CA GLN B 89 8.77 -16.92 9.35
C GLN B 89 7.48 -16.12 9.20
N ILE B 90 7.37 -14.97 9.89
CA ILE B 90 6.20 -14.09 9.76
C ILE B 90 6.38 -13.03 8.67
N GLU B 91 7.53 -12.33 8.65
CA GLU B 91 7.77 -11.22 7.71
C GLU B 91 7.99 -11.64 6.26
N VAL B 92 8.61 -12.80 6.00
CA VAL B 92 8.90 -13.24 4.63
C VAL B 92 7.75 -14.13 4.20
N ALA B 93 6.63 -13.49 3.84
CA ALA B 93 5.36 -14.11 3.49
C ALA B 93 4.49 -13.06 2.77
N VAL B 94 3.43 -13.52 2.09
CA VAL B 94 2.46 -12.62 1.44
C VAL B 94 1.54 -12.15 2.58
N LYS B 95 1.40 -10.86 2.77
CA LYS B 95 0.62 -10.31 3.88
C LYS B 95 -0.37 -9.32 3.31
N THR B 96 -1.58 -9.80 3.02
CA THR B 96 -2.62 -8.99 2.39
C THR B 96 -3.78 -8.62 3.32
N PHE B 97 -3.74 -9.04 4.61
CA PHE B 97 -4.84 -8.75 5.54
C PHE B 97 -5.20 -7.25 5.57
N TRP B 98 -4.21 -6.37 5.85
CA TRP B 98 -4.46 -4.94 5.96
C TRP B 98 -4.98 -4.31 4.69
N GLY B 99 -4.46 -4.75 3.55
CA GLY B 99 -4.91 -4.25 2.25
C GLY B 99 -6.33 -4.68 1.90
N ASP B 100 -6.89 -5.63 2.65
CA ASP B 100 -8.25 -6.12 2.38
C ASP B 100 -9.31 -5.72 3.38
N VAL B 101 -8.93 -4.99 4.45
CA VAL B 101 -9.85 -4.57 5.51
CA VAL B 101 -9.89 -4.59 5.50
C VAL B 101 -11.04 -3.75 4.94
N HIS B 102 -10.77 -2.92 3.89
CA HIS B 102 -11.81 -2.08 3.27
C HIS B 102 -13.03 -2.89 2.73
N HIS B 103 -12.85 -4.17 2.39
CA HIS B 103 -13.96 -4.97 1.86
C HIS B 103 -15.05 -5.16 2.91
N ARG B 104 -14.66 -5.34 4.17
CA ARG B 104 -15.60 -5.57 5.27
C ARG B 104 -15.83 -4.33 6.13
N LEU B 105 -14.89 -3.35 6.12
CA LEU B 105 -15.03 -2.07 6.84
C LEU B 105 -14.92 -1.00 5.74
N PRO B 106 -16.01 -0.82 4.93
CA PRO B 106 -15.90 0.02 3.72
C PRO B 106 -15.96 1.51 3.95
N LYS B 107 -14.94 2.05 4.61
CA LYS B 107 -14.84 3.49 4.88
C LYS B 107 -13.60 4.04 4.21
N PRO B 108 -13.67 5.23 3.57
CA PRO B 108 -12.46 5.80 2.92
C PRO B 108 -11.25 5.91 3.85
N GLU B 109 -11.44 6.36 5.08
CA GLU B 109 -10.34 6.52 6.05
C GLU B 109 -9.71 5.16 6.43
N ILE B 110 -10.52 4.08 6.44
CA ILE B 110 -10.01 2.72 6.72
C ILE B 110 -9.22 2.19 5.51
N ALA B 111 -9.76 2.39 4.29
CA ALA B 111 -9.11 2.01 3.04
C ALA B 111 -7.72 2.71 2.94
N ALA B 112 -7.61 4.01 3.32
CA ALA B 112 -6.33 4.76 3.30
C ALA B 112 -5.29 4.11 4.25
N VAL B 113 -5.71 3.77 5.49
CA VAL B 113 -4.84 3.13 6.45
C VAL B 113 -4.43 1.76 5.97
N GLY B 114 -5.40 0.97 5.53
CA GLY B 114 -5.17 -0.39 5.06
C GLY B 114 -4.14 -0.46 3.95
N ALA B 115 -4.24 0.44 2.95
CA ALA B 115 -3.30 0.51 1.84
C ALA B 115 -1.91 0.93 2.33
N THR B 116 -1.86 1.88 3.26
CA THR B 116 -0.57 2.35 3.83
C THR B 116 0.10 1.21 4.58
N PHE B 117 -0.67 0.48 5.37
CA PHE B 117 -0.17 -0.67 6.13
C PHE B 117 0.27 -1.80 5.22
N ALA B 118 -0.54 -2.12 4.17
CA ALA B 118 -0.20 -3.22 3.23
C ALA B 118 1.18 -2.92 2.59
N GLU B 119 1.42 -1.66 2.17
CA GLU B 119 2.71 -1.30 1.57
C GLU B 119 3.84 -1.46 2.60
N SER B 120 3.62 -1.11 3.87
CA SER B 120 4.68 -1.23 4.87
C SER B 120 5.06 -2.71 5.05
N GLU B 121 4.11 -3.63 4.86
CA GLU B 121 4.41 -5.07 4.96
C GLU B 121 5.27 -5.57 3.81
N VAL B 122 5.15 -4.96 2.63
CA VAL B 122 5.99 -5.27 1.48
C VAL B 122 7.42 -4.84 1.85
N ARG B 123 7.59 -3.64 2.44
CA ARG B 123 8.93 -3.16 2.88
C ARG B 123 9.55 -4.14 3.89
N HIS B 124 8.76 -4.66 4.85
CA HIS B 124 9.24 -5.62 5.84
C HIS B 124 9.67 -6.91 5.17
N HIS B 125 8.84 -7.41 4.24
CA HIS B 125 9.15 -8.64 3.51
C HIS B 125 10.51 -8.50 2.81
N ASP B 126 10.70 -7.40 2.06
CA ASP B 126 11.94 -7.18 1.31
C ASP B 126 13.16 -7.09 2.21
N ALA B 127 13.00 -6.45 3.37
CA ALA B 127 14.07 -6.30 4.34
C ALA B 127 14.54 -7.66 4.89
N TYR B 128 13.62 -8.48 5.39
CA TYR B 128 13.99 -9.78 5.98
C TYR B 128 14.38 -10.79 4.92
N SER B 129 13.81 -10.68 3.71
CA SER B 129 14.20 -11.56 2.61
C SER B 129 15.68 -11.26 2.26
N HIS B 130 16.04 -9.96 2.22
CA HIS B 130 17.42 -9.54 1.95
C HIS B 130 18.36 -10.04 3.04
N LEU B 131 17.93 -9.93 4.32
CA LEU B 131 18.74 -10.37 5.47
C LEU B 131 18.99 -11.89 5.46
N LEU B 132 17.98 -12.70 5.09
CA LEU B 132 18.20 -14.15 4.99
C LEU B 132 19.26 -14.44 3.92
N GLU B 133 19.19 -13.73 2.79
CA GLU B 133 20.13 -13.91 1.68
C GLU B 133 21.57 -13.58 2.11
N ILE B 134 21.81 -12.39 2.67
CA ILE B 134 23.18 -11.94 3.00
C ILE B 134 23.77 -12.68 4.20
N LEU B 135 22.92 -13.26 5.07
CA LEU B 135 23.39 -14.03 6.23
C LEU B 135 23.56 -15.51 5.88
N GLY B 136 23.28 -15.87 4.63
CA GLY B 136 23.38 -17.23 4.13
C GLY B 136 22.39 -18.17 4.78
N LEU B 137 21.16 -17.68 5.04
CA LEU B 137 20.13 -18.46 5.74
C LEU B 137 18.98 -18.96 4.87
N ASN B 138 19.08 -18.83 3.53
CA ASN B 138 18.01 -19.25 2.59
C ASN B 138 17.64 -20.72 2.71
N GLU B 139 18.64 -21.62 2.78
CA GLU B 139 18.39 -23.06 2.89
C GLU B 139 17.76 -23.40 4.22
N GLU B 140 18.26 -22.83 5.33
CA GLU B 140 17.68 -23.03 6.66
C GLU B 140 16.26 -22.49 6.75
N PHE B 141 15.98 -21.38 6.03
CA PHE B 141 14.63 -20.82 6.00
C PHE B 141 13.66 -21.75 5.29
N LYS B 142 14.08 -22.35 4.16
CA LYS B 142 13.27 -23.29 3.39
C LYS B 142 12.87 -24.54 4.23
N GLU B 143 13.76 -24.99 5.13
CA GLU B 143 13.56 -26.17 5.98
C GLU B 143 12.88 -25.87 7.34
N LEU B 144 12.78 -24.58 7.72
CA LEU B 144 12.20 -24.11 8.99
C LEU B 144 10.79 -24.65 9.28
N LYS B 145 9.94 -24.71 8.25
CA LYS B 145 8.54 -25.19 8.33
C LYS B 145 8.38 -26.63 8.86
N LYS B 146 9.46 -27.44 8.79
CA LYS B 146 9.47 -28.83 9.27
C LYS B 146 9.67 -28.94 10.79
N LYS B 147 10.07 -27.82 11.46
CA LYS B 147 10.31 -27.85 12.90
C LYS B 147 9.01 -27.87 13.71
N PRO B 148 8.85 -28.82 14.66
CA PRO B 148 7.59 -28.86 15.46
C PRO B 148 7.20 -27.55 16.12
N VAL B 149 8.19 -26.82 16.69
CA VAL B 149 7.94 -25.52 17.32
C VAL B 149 7.34 -24.52 16.31
N ILE B 150 7.81 -24.57 15.05
CA ILE B 150 7.34 -23.68 13.98
C ILE B 150 5.94 -24.12 13.53
N MET B 151 5.69 -25.43 13.43
CA MET B 151 4.36 -25.92 13.08
C MET B 151 3.33 -25.48 14.14
N LYS B 152 3.72 -25.58 15.43
CA LYS B 152 2.85 -25.15 16.53
C LYS B 152 2.57 -23.64 16.45
N ARG B 153 3.56 -22.84 16.03
CA ARG B 153 3.39 -21.40 15.89
C ARG B 153 2.40 -21.12 14.75
N VAL B 154 2.60 -21.78 13.60
CA VAL B 154 1.74 -21.66 12.41
C VAL B 154 0.28 -22.00 12.77
N HIS B 155 0.07 -23.03 13.62
CA HIS B 155 -1.28 -23.44 14.03
CA HIS B 155 -1.28 -23.43 13.97
C HIS B 155 -2.04 -22.30 14.69
N TYR B 156 -1.44 -21.62 15.69
CA TYR B 156 -2.15 -20.51 16.35
C TYR B 156 -2.29 -19.32 15.40
N LEU B 157 -1.30 -19.07 14.54
CA LEU B 157 -1.39 -17.97 13.57
C LEU B 157 -2.55 -18.19 12.56
N GLU B 158 -2.68 -19.42 12.04
CA GLU B 158 -3.76 -19.74 11.09
C GLU B 158 -5.13 -19.75 11.78
N THR B 159 -5.19 -20.26 13.03
CA THR B 159 -6.44 -20.29 13.80
C THR B 159 -6.92 -18.86 14.07
N SER B 160 -5.99 -17.96 14.40
CA SER B 160 -6.31 -16.56 14.65
C SER B 160 -6.97 -15.86 13.43
N LEU B 161 -6.57 -16.26 12.19
CA LEU B 161 -7.07 -15.68 10.95
C LEU B 161 -8.07 -16.55 10.19
N LYS B 162 -8.59 -17.58 10.85
CA LYS B 162 -9.56 -18.50 10.23
C LYS B 162 -10.79 -17.79 9.65
N HIS B 163 -11.20 -16.65 10.22
CA HIS B 163 -12.37 -15.91 9.71
C HIS B 163 -12.01 -14.65 8.91
N ALA B 164 -10.75 -14.51 8.48
CA ALA B 164 -10.30 -13.33 7.71
C ALA B 164 -11.08 -13.11 6.41
N LYS B 165 -11.69 -14.17 5.85
CA LYS B 165 -12.46 -14.09 4.60
C LYS B 165 -13.95 -14.34 4.79
N SER B 166 -14.42 -14.35 6.05
CA SER B 166 -15.83 -14.58 6.38
C SER B 166 -16.74 -13.43 5.93
N ASP B 167 -17.99 -13.78 5.53
CA ASP B 167 -19.07 -12.89 5.11
C ASP B 167 -19.84 -12.39 6.34
N ASP B 168 -19.64 -13.02 7.50
CA ASP B 168 -20.25 -12.61 8.76
C ASP B 168 -19.32 -11.59 9.43
N ASP B 169 -19.85 -10.41 9.76
CA ASP B 169 -19.10 -9.33 10.38
C ASP B 169 -18.59 -9.70 11.77
N ARG B 170 -19.36 -10.48 12.53
CA ARG B 170 -18.93 -10.89 13.87
C ARG B 170 -17.74 -11.85 13.81
N GLU B 171 -17.77 -12.83 12.88
CA GLU B 171 -16.65 -13.76 12.71
C GLU B 171 -15.43 -12.99 12.22
N TYR B 172 -15.62 -12.10 11.23
CA TYR B 172 -14.50 -11.30 10.72
C TYR B 172 -13.85 -10.48 11.84
N THR B 173 -14.68 -9.93 12.76
CA THR B 173 -14.23 -9.16 13.93
C THR B 173 -13.24 -9.98 14.78
N GLU B 174 -13.52 -11.28 14.99
CA GLU B 174 -12.63 -12.18 15.73
C GLU B 174 -11.23 -12.19 15.10
N SER B 175 -11.15 -12.28 13.74
CA SER B 175 -9.87 -12.26 13.02
CA SER B 175 -9.86 -12.28 13.03
C SER B 175 -9.09 -10.96 13.22
N ILE B 176 -9.79 -9.80 13.13
CA ILE B 176 -9.15 -8.48 13.33
C ILE B 176 -8.58 -8.43 14.72
N LEU B 177 -9.40 -8.80 15.70
CA LEU B 177 -9.06 -8.78 17.12
C LEU B 177 -7.78 -9.57 17.42
N LEU B 178 -7.77 -10.84 17.05
CA LEU B 178 -6.63 -11.73 17.33
C LEU B 178 -5.40 -11.32 16.54
N PHE B 179 -5.60 -10.93 15.28
CA PHE B 179 -4.52 -10.44 14.43
C PHE B 179 -3.86 -9.20 15.04
N ALA B 180 -4.66 -8.19 15.42
CA ALA B 180 -4.10 -6.95 15.97
C ALA B 180 -3.50 -7.07 17.37
N LEU B 181 -4.26 -7.62 18.33
CA LEU B 181 -3.83 -7.71 19.72
C LEU B 181 -2.68 -8.67 19.92
N PHE B 182 -2.72 -9.82 19.24
CA PHE B 182 -1.73 -10.84 19.53
C PHE B 182 -0.71 -11.02 18.45
N ILE B 183 -1.13 -11.06 17.17
CA ILE B 183 -0.14 -11.29 16.12
C ILE B 183 0.71 -10.04 15.91
N GLU B 184 0.06 -8.90 15.66
CA GLU B 184 0.77 -7.64 15.37
C GLU B 184 1.49 -7.09 16.59
N HIS B 185 0.85 -7.14 17.75
CA HIS B 185 1.46 -6.56 18.93
C HIS B 185 2.40 -7.47 19.72
N VAL B 186 2.42 -8.79 19.46
CA VAL B 186 3.25 -9.66 20.31
C VAL B 186 4.08 -10.70 19.56
N SER B 187 3.54 -11.36 18.49
CA SER B 187 4.22 -12.48 17.84
C SER B 187 5.71 -12.26 17.56
N LEU B 188 6.07 -11.10 17.02
CA LEU B 188 7.48 -10.84 16.70
C LEU B 188 8.28 -10.18 17.79
N PHE B 189 7.62 -9.77 18.86
CA PHE B 189 8.27 -8.90 19.83
C PHE B 189 9.34 -9.54 20.71
N SER B 190 9.31 -10.88 20.96
CA SER B 190 10.41 -11.50 21.71
C SER B 190 11.67 -11.42 20.83
N GLN B 191 11.50 -11.58 19.49
CA GLN B 191 12.59 -11.54 18.52
C GLN B 191 13.15 -10.14 18.38
N PHE B 192 12.27 -9.12 18.30
CA PHE B 192 12.71 -7.73 18.22
C PHE B 192 13.49 -7.36 19.49
N LEU B 193 12.99 -7.80 20.65
CA LEU B 193 13.67 -7.62 21.93
C LEU B 193 15.06 -8.27 21.90
N ILE B 194 15.19 -9.54 21.44
CA ILE B 194 16.49 -10.25 21.42
C ILE B 194 17.54 -9.50 20.59
N ILE B 195 17.15 -9.05 19.39
CA ILE B 195 18.09 -8.30 18.53
C ILE B 195 18.50 -6.98 19.13
N MET B 196 17.53 -6.21 19.63
CA MET B 196 17.79 -4.91 20.25
C MET B 196 18.64 -5.05 21.49
N ALA B 197 18.37 -6.06 22.31
CA ALA B 197 19.12 -6.31 23.54
C ALA B 197 20.56 -6.66 23.20
N PHE B 198 20.76 -7.47 22.14
CA PHE B 198 22.08 -7.90 21.70
C PHE B 198 22.90 -6.70 21.25
N ASN B 199 22.29 -5.76 20.50
CA ASN B 199 22.96 -4.56 20.05
C ASN B 199 23.24 -3.60 21.22
N LYS B 200 22.28 -3.46 22.15
CA LYS B 200 22.44 -2.62 23.34
C LYS B 200 23.62 -3.10 24.21
N HIS B 201 23.70 -4.42 24.43
CA HIS B 201 24.73 -5.01 25.30
C HIS B 201 26.10 -5.18 24.63
N LYS B 202 26.13 -5.60 23.35
CA LYS B 202 27.36 -5.95 22.66
C LYS B 202 27.84 -4.98 21.58
N ASN B 203 27.04 -3.95 21.24
CA ASN B 203 27.35 -2.98 20.18
C ASN B 203 27.70 -3.69 18.84
N MET B 204 26.95 -4.75 18.55
CA MET B 204 27.09 -5.56 17.34
C MET B 204 25.74 -5.60 16.64
N LEU B 205 25.69 -6.11 15.40
CA LEU B 205 24.45 -6.19 14.63
C LEU B 205 23.78 -4.80 14.46
N LYS B 206 24.60 -3.78 14.19
CA LYS B 206 24.16 -2.39 14.04
C LYS B 206 23.05 -2.21 12.99
N GLY B 207 23.29 -2.66 11.77
CA GLY B 207 22.33 -2.54 10.67
C GLY B 207 21.05 -3.33 10.92
N ILE B 208 21.19 -4.57 11.41
CA ILE B 208 20.04 -5.43 11.71
C ILE B 208 19.18 -4.82 12.82
N SER B 209 19.82 -4.29 13.90
CA SER B 209 19.07 -3.68 15.01
C SER B 209 18.35 -2.40 14.55
N ASN B 210 18.91 -1.65 13.57
CA ASN B 210 18.24 -0.50 12.97
C ASN B 210 16.97 -0.94 12.22
N ALA B 211 17.08 -2.00 11.41
CA ALA B 211 15.97 -2.56 10.64
C ALA B 211 14.91 -3.11 11.61
N VAL B 212 15.34 -3.82 12.67
CA VAL B 212 14.44 -4.39 13.67
C VAL B 212 13.72 -3.29 14.44
N GLU B 213 14.42 -2.22 14.83
CA GLU B 213 13.79 -1.11 15.53
C GLU B 213 12.72 -0.44 14.64
N ALA B 214 13.05 -0.23 13.37
CA ALA B 214 12.12 0.35 12.39
C ALA B 214 10.89 -0.57 12.20
N THR B 215 11.10 -1.91 12.15
CA THR B 215 9.99 -2.88 12.00
C THR B 215 9.10 -2.85 13.26
N SER B 216 9.73 -2.84 14.48
CA SER B 216 9.01 -2.82 15.78
CA SER B 216 8.96 -2.85 15.74
C SER B 216 8.05 -1.64 15.84
N LYS B 217 8.52 -0.44 15.45
CA LYS B 217 7.71 0.78 15.46
C LYS B 217 6.48 0.63 14.56
N GLU B 218 6.66 0.04 13.37
CA GLU B 218 5.55 -0.16 12.44
C GLU B 218 4.57 -1.23 12.91
N GLU B 219 5.06 -2.32 13.53
CA GLU B 219 4.14 -3.33 14.08
C GLU B 219 3.35 -2.74 15.25
N GLN B 220 3.99 -1.85 16.04
CA GLN B 220 3.31 -1.19 17.16
C GLN B 220 2.14 -0.35 16.61
N ILE B 221 2.40 0.42 15.55
CA ILE B 221 1.39 1.25 14.86
C ILE B 221 0.30 0.32 14.29
N HIS B 222 0.67 -0.78 13.61
CA HIS B 222 -0.33 -1.72 13.07
C HIS B 222 -1.31 -2.24 14.12
N GLY B 223 -0.78 -2.70 15.25
CA GLY B 223 -1.60 -3.22 16.34
C GLY B 223 -2.47 -2.16 16.98
N ASP B 224 -1.95 -0.92 17.14
CA ASP B 224 -2.69 0.21 17.71
C ASP B 224 -3.93 0.53 16.89
N PHE B 225 -3.79 0.57 15.54
CA PHE B 225 -4.93 0.78 14.67
C PHE B 225 -5.97 -0.33 14.85
N GLY B 226 -5.53 -1.59 14.89
CA GLY B 226 -6.42 -2.73 15.09
C GLY B 226 -7.16 -2.63 16.39
N VAL B 227 -6.46 -2.20 17.47
CA VAL B 227 -7.07 -1.99 18.80
C VAL B 227 -8.20 -0.93 18.67
N ASP B 228 -7.91 0.20 17.99
CA ASP B 228 -8.89 1.26 17.75
C ASP B 228 -10.11 0.75 16.99
N ILE B 229 -9.87 -0.09 15.96
CA ILE B 229 -10.96 -0.68 15.17
C ILE B 229 -11.82 -1.58 16.08
N ILE B 230 -11.19 -2.42 16.90
CA ILE B 230 -11.92 -3.28 17.83
C ILE B 230 -12.76 -2.44 18.79
N ASN B 231 -12.19 -1.33 19.33
CA ASN B 231 -12.96 -0.49 20.24
C ASN B 231 -14.13 0.20 19.54
N ILE B 232 -14.02 0.50 18.22
CA ILE B 232 -15.16 1.06 17.49
C ILE B 232 -16.23 -0.04 17.35
N ILE B 233 -15.82 -1.25 16.93
CA ILE B 233 -16.73 -2.39 16.77
C ILE B 233 -17.44 -2.68 18.10
N LYS B 234 -16.70 -2.67 19.22
CA LYS B 234 -17.23 -2.93 20.56
C LYS B 234 -18.20 -1.82 20.98
N LYS B 235 -17.89 -0.57 20.66
CA LYS B 235 -18.77 0.55 20.97
C LYS B 235 -20.09 0.46 20.17
N GLU B 236 -20.02 0.06 18.90
CA GLU B 236 -21.20 -0.01 18.05
C GLU B 236 -22.01 -1.30 18.24
N ASN B 237 -21.35 -2.39 18.66
CA ASN B 237 -21.96 -3.71 18.86
C ASN B 237 -21.56 -4.27 20.23
N PRO B 238 -21.94 -3.60 21.36
CA PRO B 238 -21.50 -4.11 22.68
C PRO B 238 -21.96 -5.51 23.01
N GLU B 239 -23.14 -5.92 22.50
CA GLU B 239 -23.73 -7.25 22.74
C GLU B 239 -22.89 -8.41 22.16
N TRP B 240 -21.99 -8.14 21.19
CA TRP B 240 -21.11 -9.18 20.62
C TRP B 240 -20.03 -9.61 21.62
N PHE B 241 -19.66 -8.71 22.55
CA PHE B 241 -18.59 -8.89 23.55
C PHE B 241 -19.12 -9.27 24.95
N ASP B 242 -19.71 -10.46 25.10
CA ASP B 242 -20.19 -10.90 26.42
C ASP B 242 -19.02 -11.54 27.21
N GLU B 243 -19.28 -12.00 28.46
CA GLU B 243 -18.26 -12.66 29.30
C GLU B 243 -17.74 -13.94 28.59
N GLU B 244 -18.64 -14.62 27.83
CA GLU B 244 -18.40 -15.85 27.10
C GLU B 244 -17.34 -15.68 26.04
N HIS B 245 -17.51 -14.71 25.12
CA HIS B 245 -16.55 -14.44 24.06
C HIS B 245 -15.25 -13.83 24.60
N ASN B 246 -15.33 -13.12 25.75
CA ASN B 246 -14.15 -12.58 26.44
C ASN B 246 -13.29 -13.73 26.99
N ASN B 247 -13.93 -14.87 27.32
CA ASN B 247 -13.21 -16.08 27.77
C ASN B 247 -12.52 -16.74 26.57
N LEU B 248 -13.15 -16.69 25.37
CA LEU B 248 -12.61 -17.23 24.12
C LEU B 248 -11.36 -16.44 23.68
N ILE B 249 -11.34 -15.11 23.91
CA ILE B 249 -10.20 -14.22 23.63
C ILE B 249 -9.03 -14.61 24.56
N LYS B 250 -9.34 -14.79 25.86
CA LYS B 250 -8.38 -15.18 26.88
C LYS B 250 -7.74 -16.56 26.61
N GLU B 251 -8.51 -17.56 26.10
CA GLU B 251 -7.89 -18.87 25.79
C GLU B 251 -6.99 -18.78 24.53
N MET B 252 -7.32 -17.89 23.58
CA MET B 252 -6.48 -17.67 22.39
C MET B 252 -5.21 -16.95 22.80
N CYS B 253 -5.30 -16.04 23.80
CA CYS B 253 -4.17 -15.30 24.38
C CYS B 253 -3.18 -16.30 24.99
N LEU B 254 -3.70 -17.28 25.75
CA LEU B 254 -2.89 -18.32 26.36
C LEU B 254 -2.18 -19.19 25.32
N ASN B 255 -2.90 -19.61 24.26
CA ASN B 255 -2.34 -20.40 23.14
C ASN B 255 -1.19 -19.63 22.46
N SER B 256 -1.38 -18.33 22.22
CA SER B 256 -0.38 -17.45 21.61
C SER B 256 0.86 -17.37 22.50
N PHE B 257 0.66 -17.12 23.81
CA PHE B 257 1.79 -17.06 24.73
C PHE B 257 2.57 -18.38 24.78
N GLU B 258 1.86 -19.51 24.91
CA GLU B 258 2.53 -20.82 25.01
C GLU B 258 3.37 -21.12 23.77
N ALA B 259 2.84 -20.82 22.58
CA ALA B 259 3.55 -21.02 21.32
C ALA B 259 4.77 -20.11 21.20
N GLU B 260 4.62 -18.81 21.56
CA GLU B 260 5.73 -17.84 21.50
C GLU B 260 6.79 -18.14 22.57
N SER B 261 6.35 -18.63 23.73
CA SER B 261 7.26 -19.02 24.79
C SER B 261 8.10 -20.23 24.33
N LYS B 262 7.47 -21.18 23.58
CA LYS B 262 8.19 -22.33 23.03
C LYS B 262 9.16 -21.91 21.91
N VAL B 263 8.81 -20.86 21.16
CA VAL B 263 9.70 -20.31 20.12
C VAL B 263 10.98 -19.79 20.81
N VAL B 264 10.82 -19.11 21.97
CA VAL B 264 11.92 -18.58 22.79
C VAL B 264 12.84 -19.75 23.25
N ASP B 265 12.25 -20.86 23.71
CA ASP B 265 12.98 -22.06 24.11
C ASP B 265 13.85 -22.59 22.96
N TRP B 266 13.27 -22.64 21.75
CA TRP B 266 13.96 -23.05 20.54
C TRP B 266 15.06 -22.06 20.15
N ILE B 267 14.79 -20.73 20.23
CA ILE B 267 15.80 -19.72 19.88
C ILE B 267 17.07 -19.98 20.70
N PHE B 268 16.91 -20.30 22.01
CA PHE B 268 18.03 -20.54 22.91
C PHE B 268 18.33 -22.01 23.14
N GLU B 269 18.05 -22.87 22.14
CA GLU B 269 18.33 -24.32 22.24
C GLU B 269 19.82 -24.61 22.55
N LYS B 270 20.75 -23.80 22.04
CA LYS B 270 22.18 -24.00 22.30
C LYS B 270 22.69 -23.27 23.56
N GLY B 271 21.80 -22.60 24.28
CA GLY B 271 22.16 -21.89 25.51
C GLY B 271 21.55 -20.51 25.58
N GLU B 272 21.26 -20.07 26.82
CA GLU B 272 20.66 -18.75 27.05
C GLU B 272 21.72 -17.65 26.98
N LEU B 273 21.30 -16.40 26.81
CA LEU B 273 22.22 -15.25 26.84
C LEU B 273 22.15 -14.74 28.29
N ASP B 274 23.30 -14.65 28.96
CA ASP B 274 23.36 -14.23 30.37
C ASP B 274 22.70 -12.86 30.65
N PHE B 275 22.82 -11.91 29.71
CA PHE B 275 22.26 -10.56 29.83
C PHE B 275 20.75 -10.51 29.52
N LEU B 276 20.18 -11.56 28.90
CA LEU B 276 18.75 -11.60 28.57
C LEU B 276 18.21 -13.04 28.75
N PRO B 277 18.06 -13.48 30.04
CA PRO B 277 17.55 -14.84 30.30
C PRO B 277 16.13 -15.03 29.78
N LYS B 278 15.75 -16.30 29.54
CA LYS B 278 14.40 -16.63 29.04
C LYS B 278 13.30 -16.14 29.99
N ALA B 279 13.55 -16.22 31.32
CA ALA B 279 12.61 -15.76 32.36
C ALA B 279 12.28 -14.27 32.18
N VAL B 280 13.29 -13.46 31.78
CA VAL B 280 13.12 -12.03 31.50
C VAL B 280 12.26 -11.84 30.22
N ILE B 281 12.55 -12.63 29.16
CA ILE B 281 11.81 -12.56 27.90
C ILE B 281 10.33 -12.96 28.11
N ASN B 282 10.10 -14.04 28.88
CA ASN B 282 8.75 -14.53 29.16
C ASN B 282 7.90 -13.51 29.92
N GLU B 283 8.50 -12.78 30.91
CA GLU B 283 7.77 -11.74 31.64
C GLU B 283 7.42 -10.59 30.70
N PHE B 284 8.35 -10.24 29.80
CA PHE B 284 8.17 -9.22 28.78
C PHE B 284 6.94 -9.55 27.91
N LEU B 285 6.83 -10.83 27.48
CA LEU B 285 5.73 -11.32 26.64
C LEU B 285 4.41 -11.30 27.36
N LYS B 286 4.38 -11.83 28.60
CA LYS B 286 3.16 -11.87 29.41
C LYS B 286 2.58 -10.46 29.58
N ASN B 287 3.46 -9.47 29.86
CA ASN B 287 3.07 -8.08 30.02
C ASN B 287 2.45 -7.51 28.73
N ARG B 288 3.03 -7.83 27.55
CA ARG B 288 2.48 -7.37 26.26
C ARG B 288 1.09 -7.96 26.02
N PHE B 289 0.90 -9.25 26.36
CA PHE B 289 -0.39 -9.93 26.24
C PHE B 289 -1.40 -9.26 27.16
N ASN B 290 -1.00 -8.92 28.42
CA ASN B 290 -1.87 -8.22 29.38
C ASN B 290 -2.32 -6.88 28.86
N LYS B 291 -1.38 -6.09 28.31
CA LYS B 291 -1.66 -4.76 27.77
C LYS B 291 -2.62 -4.82 26.58
N SER B 292 -2.51 -5.86 25.72
CA SER B 292 -3.43 -6.03 24.59
C SER B 292 -4.85 -6.29 25.09
N LEU B 293 -5.00 -7.13 26.13
CA LEU B 293 -6.31 -7.44 26.73
C LEU B 293 -6.91 -6.19 27.34
N GLU B 294 -6.11 -5.44 28.12
CA GLU B 294 -6.55 -4.21 28.78
C GLU B 294 -6.91 -3.12 27.79
N ALA B 295 -6.25 -3.07 26.63
CA ALA B 295 -6.50 -2.08 25.58
C ALA B 295 -7.94 -2.16 25.03
N ILE B 296 -8.59 -3.32 25.15
CA ILE B 296 -9.97 -3.51 24.68
C ILE B 296 -10.94 -3.73 25.86
N GLY B 297 -10.52 -3.38 27.06
CA GLY B 297 -11.35 -3.45 28.25
C GLY B 297 -11.46 -4.78 28.96
N LEU B 298 -10.59 -5.75 28.64
CA LEU B 298 -10.62 -7.03 29.32
C LEU B 298 -9.69 -6.97 30.53
N GLU B 299 -9.85 -7.90 31.49
CA GLU B 299 -8.94 -7.94 32.63
C GLU B 299 -7.66 -8.67 32.22
N LYS B 300 -6.53 -8.36 32.90
CA LYS B 300 -5.24 -9.00 32.63
C LYS B 300 -5.28 -10.51 32.93
N LEU B 301 -4.50 -11.29 32.17
CA LEU B 301 -4.48 -12.76 32.29
C LEU B 301 -3.29 -13.30 33.09
N PHE B 302 -2.14 -12.64 33.00
CA PHE B 302 -0.91 -13.11 33.64
C PHE B 302 -0.48 -12.33 34.87
N ASP B 303 -0.01 -13.07 35.90
CA ASP B 303 0.58 -12.49 37.10
C ASP B 303 1.99 -12.06 36.69
N ILE B 304 2.39 -10.83 37.03
CA ILE B 304 3.68 -10.29 36.61
C ILE B 304 4.68 -10.17 37.75
N ASP B 305 5.92 -10.65 37.51
CA ASP B 305 7.05 -10.50 38.42
C ASP B 305 7.66 -9.15 37.98
N GLU B 306 7.40 -8.09 38.76
CA GLU B 306 7.81 -6.72 38.45
C GLU B 306 9.31 -6.52 38.29
N ALA B 307 10.14 -7.20 39.11
CA ALA B 307 11.59 -7.10 39.05
C ALA B 307 12.13 -7.60 37.71
N LEU B 308 11.63 -8.76 37.23
CA LEU B 308 12.01 -9.34 35.94
C LEU B 308 11.50 -8.46 34.79
N LEU B 309 10.28 -7.89 34.94
CA LEU B 309 9.70 -7.03 33.91
C LEU B 309 10.50 -5.74 33.72
N GLN B 310 10.97 -5.15 34.83
CA GLN B 310 11.76 -3.91 34.84
C GLN B 310 12.97 -3.99 33.93
N GLU B 311 13.59 -5.18 33.84
CA GLU B 311 14.77 -5.46 33.04
C GLU B 311 14.57 -5.19 31.54
N THR B 312 13.31 -5.11 31.06
CA THR B 312 13.02 -4.85 29.64
C THR B 312 12.26 -3.56 29.39
N GLU B 313 12.09 -2.72 30.43
CA GLU B 313 11.42 -1.43 30.32
C GLU B 313 12.05 -0.52 29.24
N TRP B 314 13.38 -0.64 29.04
CA TRP B 314 14.16 0.13 28.05
C TRP B 314 13.64 -0.09 26.63
N PHE B 315 13.08 -1.30 26.35
CA PHE B 315 12.59 -1.64 25.01
C PHE B 315 11.45 -0.70 24.59
N ASP B 316 10.36 -0.61 25.42
CA ASP B 316 9.23 0.28 25.15
C ASP B 316 9.63 1.76 25.20
N ASP B 317 10.60 2.13 26.06
CA ASP B 317 11.13 3.49 26.13
C ASP B 317 11.78 3.88 24.80
N GLU B 318 12.35 2.91 24.06
CA GLU B 318 12.95 3.13 22.73
C GLU B 318 11.88 3.14 21.61
N ILE B 319 10.99 2.14 21.60
CA ILE B 319 9.95 1.99 20.58
C ILE B 319 8.91 3.13 20.66
N ILE B 320 8.31 3.33 21.86
CA ILE B 320 7.25 4.31 22.18
C ILE B 320 5.96 3.98 21.42
MN MN C . -3.08 8.78 -8.93
MN MN D . -2.59 5.33 -10.73
MN MN E . 5.69 -6.68 9.38
MN MN F . 2.12 -5.59 10.68
#